data_6FVE
#
_entry.id   6FVE
#
_cell.length_a   46.783
_cell.length_b   70.644
_cell.length_c   89.800
_cell.angle_alpha   90.00
_cell.angle_beta   90.00
_cell.angle_gamma   90.00
#
_symmetry.space_group_name_H-M   'P 21 21 21'
#
loop_
_entity.id
_entity.type
_entity.pdbx_description
1 polymer 'Macrophage migration inhibitory factor'
2 non-polymer '2-(6-hydroxy-3-oxo-3H-xanthen-9-yl)-5-[(E)-(sulfanylmethylidene)amino]benzoic acid'
3 non-polymer 'SULFATE ION'
4 water water
#
_entity_poly.entity_id   1
_entity_poly.type   'polypeptide(L)'
_entity_poly.pdbx_seq_one_letter_code
;PMFIVNTNVPRASVPDGFLSELTQQLAQATGKPPQYIAVHVVPDQLMAFGGSSEPCALCSLHSIGKIGGAQNRSYSKLLC
GLLAERLRISPDRVYINYYDMNAANVGWNNSTFA
;
_entity_poly.pdbx_strand_id   A,C,B
#
# COMPACT_ATOMS: atom_id res chain seq x y z
N PRO A 1 10.19 -6.66 11.02
CA PRO A 1 8.89 -6.11 10.67
C PRO A 1 8.99 -4.93 9.70
N MET A 2 7.90 -4.70 8.96
CA MET A 2 7.70 -3.52 8.14
C MET A 2 6.39 -2.89 8.58
N PHE A 3 6.47 -1.64 9.03
CA PHE A 3 5.28 -0.92 9.51
C PHE A 3 5.05 0.35 8.68
N ILE A 4 3.85 0.49 8.12
CA ILE A 4 3.45 1.61 7.31
C ILE A 4 2.21 2.24 7.95
N VAL A 5 2.24 3.55 8.13
CA VAL A 5 1.11 4.32 8.65
C VAL A 5 0.72 5.34 7.63
N ASN A 6 -0.53 5.29 7.15
CA ASN A 6 -1.09 6.30 6.27
C ASN A 6 -2.07 7.12 7.11
N THR A 7 -1.91 8.45 7.12
CA THR A 7 -2.76 9.30 7.98
C THR A 7 -3.02 10.62 7.32
N ASN A 8 -4.18 11.21 7.69
CA ASN A 8 -4.51 12.59 7.34
C ASN A 8 -3.94 13.66 8.26
N VAL A 9 -3.31 13.26 9.35
CA VAL A 9 -2.62 14.20 10.24
C VAL A 9 -1.50 14.88 9.42
N PRO A 10 -1.32 16.19 9.61
CA PRO A 10 -0.33 16.87 8.76
C PRO A 10 1.12 16.53 9.13
N ARG A 11 2.03 16.71 8.20
CA ARG A 11 3.46 16.44 8.42
C ARG A 11 3.98 17.17 9.65
N ALA A 12 3.55 18.41 9.84
CA ALA A 12 4.05 19.23 10.97
C ALA A 12 3.68 18.69 12.33
N SER A 13 2.64 17.86 12.40
CA SER A 13 2.20 17.24 13.65
CA SER A 13 2.25 17.27 13.68
C SER A 13 2.89 15.90 13.95
N VAL A 14 3.71 15.40 13.03
CA VAL A 14 4.49 14.21 13.27
C VAL A 14 5.75 14.61 14.04
N PRO A 15 5.90 14.17 15.30
CA PRO A 15 7.08 14.65 16.04
C PRO A 15 8.40 14.20 15.47
N ASP A 16 9.40 15.06 15.62
CA ASP A 16 10.76 14.64 15.38
C ASP A 16 11.07 13.43 16.26
N GLY A 17 11.72 12.41 15.69
CA GLY A 17 12.00 11.19 16.42
C GLY A 17 10.93 10.12 16.34
N PHE A 18 9.82 10.40 15.65
CA PHE A 18 8.74 9.42 15.60
C PHE A 18 9.14 8.14 14.90
N LEU A 19 9.87 8.21 13.80
CA LEU A 19 10.30 6.97 13.15
C LEU A 19 11.25 6.15 14.04
N SER A 20 12.12 6.87 14.77
CA SER A 20 13.02 6.30 15.77
CA SER A 20 13.02 6.25 15.74
C SER A 20 12.23 5.55 16.84
N GLU A 21 11.19 6.22 17.35
CA GLU A 21 10.39 5.58 18.39
C GLU A 21 9.67 4.32 17.90
N LEU A 22 9.11 4.39 16.70
CA LEU A 22 8.44 3.22 16.14
C LEU A 22 9.44 2.07 16.02
N THR A 23 10.64 2.40 15.57
CA THR A 23 11.65 1.38 15.37
C THR A 23 12.01 0.72 16.69
N GLN A 24 12.26 1.52 17.72
CA GLN A 24 12.71 0.96 18.99
CA GLN A 24 12.69 0.97 19.00
CA GLN A 24 12.68 1.04 19.05
C GLN A 24 11.56 0.17 19.65
N GLN A 25 10.33 0.66 19.55
CA GLN A 25 9.16 -0.05 20.08
C GLN A 25 8.86 -1.38 19.38
N LEU A 26 9.03 -1.39 18.06
CA LEU A 26 8.93 -2.63 17.28
C LEU A 26 10.05 -3.60 17.60
N ALA A 27 11.25 -3.08 17.89
CA ALA A 27 12.33 -3.98 18.26
C ALA A 27 12.02 -4.67 19.60
N GLN A 28 11.49 -3.89 20.54
CA GLN A 28 11.11 -4.42 21.84
C GLN A 28 9.99 -5.47 21.74
N ALA A 29 8.99 -5.18 20.90
CA ALA A 29 7.80 -6.02 20.77
C ALA A 29 8.11 -7.33 20.06
N THR A 30 8.93 -7.26 19.01
CA THR A 30 9.26 -8.48 18.25
C THR A 30 10.45 -9.21 18.85
N GLY A 31 11.32 -8.49 19.56
CA GLY A 31 12.53 -9.09 20.11
C GLY A 31 13.61 -9.34 19.07
N LYS A 32 13.45 -8.73 17.89
CA LYS A 32 14.32 -9.00 16.75
C LYS A 32 15.20 -7.75 16.58
N PRO A 33 16.38 -7.91 15.95
CA PRO A 33 17.32 -6.80 15.84
C PRO A 33 16.72 -5.59 15.13
N PRO A 34 16.95 -4.36 15.63
CA PRO A 34 16.34 -3.20 14.98
C PRO A 34 16.86 -2.92 13.58
N GLN A 35 18.03 -3.46 13.23
CA GLN A 35 18.58 -3.23 11.91
C GLN A 35 17.70 -3.75 10.79
N TYR A 36 16.76 -4.66 11.09
CA TYR A 36 15.88 -5.16 10.04
C TYR A 36 14.54 -4.48 9.96
N ILE A 37 14.31 -3.52 10.83
CA ILE A 37 12.98 -2.91 10.93
C ILE A 37 12.83 -1.78 9.93
N ALA A 38 11.74 -1.81 9.16
CA ALA A 38 11.43 -0.72 8.24
C ALA A 38 10.17 -0.03 8.69
N VAL A 39 10.22 1.30 8.68
CA VAL A 39 9.09 2.13 9.09
CA VAL A 39 9.06 2.11 9.07
C VAL A 39 8.80 3.19 8.02
N HIS A 40 7.53 3.50 7.80
CA HIS A 40 7.13 4.38 6.74
C HIS A 40 5.90 5.12 7.25
N VAL A 41 6.00 6.45 7.34
CA VAL A 41 4.90 7.29 7.82
C VAL A 41 4.52 8.20 6.68
N VAL A 42 3.21 8.23 6.37
CA VAL A 42 2.68 8.95 5.25
C VAL A 42 1.59 9.92 5.73
N PRO A 43 1.97 11.17 6.00
CA PRO A 43 1.03 12.18 6.50
C PRO A 43 0.35 12.93 5.36
N ASP A 44 -0.54 13.85 5.72
CA ASP A 44 -1.19 14.76 4.76
C ASP A 44 -2.08 14.06 3.75
N GLN A 45 -2.57 12.87 4.12
CA GLN A 45 -3.41 12.12 3.18
C GLN A 45 -4.86 12.57 3.19
N LEU A 46 -5.53 12.34 2.06
CA LEU A 46 -6.96 12.55 1.90
C LEU A 46 -7.63 11.27 2.31
N MET A 47 -8.17 11.27 3.53
CA MET A 47 -8.74 10.07 4.13
CA MET A 47 -8.75 10.07 4.13
C MET A 47 -9.99 10.38 4.93
N ALA A 48 -10.87 9.40 5.02
CA ALA A 48 -12.03 9.52 5.90
C ALA A 48 -12.28 8.16 6.55
N PHE A 49 -12.86 8.19 7.74
CA PHE A 49 -13.22 6.98 8.50
C PHE A 49 -14.60 7.29 9.03
N GLY A 50 -15.56 6.44 8.73
CA GLY A 50 -16.93 6.73 9.16
C GLY A 50 -17.56 7.93 8.52
N GLY A 51 -17.06 8.32 7.35
CA GLY A 51 -17.56 9.52 6.68
C GLY A 51 -16.99 10.86 7.14
N SER A 52 -16.08 10.81 8.12
CA SER A 52 -15.46 12.00 8.70
C SER A 52 -13.98 12.00 8.36
N SER A 53 -13.46 13.18 8.03
CA SER A 53 -12.01 13.34 7.79
CA SER A 53 -12.02 13.37 7.78
C SER A 53 -11.27 13.83 9.03
N GLU A 54 -11.87 13.61 10.22
CA GLU A 54 -11.13 13.77 11.49
C GLU A 54 -9.92 12.82 11.46
N PRO A 55 -8.91 13.07 12.29
CA PRO A 55 -7.69 12.25 12.26
C PRO A 55 -8.01 10.75 12.28
N CYS A 56 -7.37 10.01 11.37
CA CYS A 56 -7.53 8.57 11.29
C CYS A 56 -6.26 7.99 10.71
N ALA A 57 -6.19 6.67 10.68
CA ALA A 57 -5.03 6.01 10.10
C ALA A 57 -5.37 4.66 9.55
N LEU A 58 -4.71 4.34 8.42
CA LEU A 58 -4.76 3.00 7.83
C LEU A 58 -3.33 2.52 7.77
N CYS A 59 -3.08 1.41 8.45
CA CYS A 59 -1.72 0.90 8.63
C CYS A 59 -1.59 -0.53 8.15
N SER A 60 -0.33 -0.91 7.92
CA SER A 60 0.03 -2.29 7.54
C SER A 60 1.23 -2.69 8.41
N LEU A 61 1.23 -3.93 8.90
CA LEU A 61 2.40 -4.50 9.57
C LEU A 61 2.71 -5.83 8.92
N HIS A 62 3.87 -5.90 8.26
CA HIS A 62 4.27 -7.15 7.60
C HIS A 62 5.33 -7.82 8.45
N SER A 63 5.22 -9.14 8.61
N SER A 63 5.19 -9.14 8.63
CA SER A 63 6.24 -9.92 9.26
CA SER A 63 6.17 -9.99 9.28
C SER A 63 6.52 -11.10 8.32
C SER A 63 6.55 -11.05 8.26
N ILE A 64 7.66 -11.75 8.51
CA ILE A 64 8.14 -12.78 7.61
C ILE A 64 8.17 -14.10 8.36
N GLY A 65 7.41 -15.05 7.85
CA GLY A 65 7.28 -16.38 8.41
C GLY A 65 6.00 -17.10 8.01
N LYS A 66 5.54 -17.95 8.91
CA LYS A 66 4.42 -18.84 8.67
C LYS A 66 3.58 -19.02 9.93
N ILE A 67 4.24 -19.12 11.08
CA ILE A 67 3.53 -19.26 12.32
C ILE A 67 3.10 -17.88 12.89
N GLY A 68 3.48 -16.76 12.27
CA GLY A 68 3.09 -15.40 12.73
C GLY A 68 1.57 -15.15 12.85
N GLY A 69 1.18 -14.19 13.70
CA GLY A 69 -0.26 -13.84 13.98
C GLY A 69 -0.64 -13.69 15.46
N ALA A 70 -0.01 -14.48 16.33
CA ALA A 70 -0.31 -14.47 17.77
C ALA A 70 -0.08 -13.12 18.45
N GLN A 71 0.85 -12.32 17.94
CA GLN A 71 1.17 -11.05 18.56
C GLN A 71 0.30 -9.92 18.02
N ASN A 72 -0.67 -10.19 17.14
CA ASN A 72 -1.40 -9.08 16.49
C ASN A 72 -2.12 -8.18 17.50
N ARG A 73 -2.74 -8.79 18.51
CA ARG A 73 -3.46 -8.04 19.52
C ARG A 73 -2.52 -7.11 20.27
N SER A 74 -1.41 -7.67 20.75
CA SER A 74 -0.37 -6.93 21.47
CA SER A 74 -0.44 -6.87 21.50
C SER A 74 0.15 -5.76 20.61
N TYR A 75 0.39 -6.05 19.34
CA TYR A 75 0.81 -4.97 18.41
C TYR A 75 -0.24 -3.88 18.27
N SER A 76 -1.50 -4.27 18.22
CA SER A 76 -2.57 -3.30 18.09
C SER A 76 -2.60 -2.33 19.28
N LYS A 77 -2.48 -2.87 20.50
CA LYS A 77 -2.46 -2.02 21.69
CA LYS A 77 -2.47 -2.01 21.67
C LYS A 77 -1.24 -1.08 21.61
N LEU A 78 -0.08 -1.64 21.26
CA LEU A 78 1.16 -0.87 21.19
C LEU A 78 1.08 0.25 20.18
N LEU A 79 0.68 -0.11 18.98
CA LEU A 79 0.69 0.83 17.85
C LEU A 79 -0.44 1.84 17.93
N CYS A 80 -1.66 1.42 18.31
CA CYS A 80 -2.70 2.40 18.59
C CYS A 80 -2.24 3.39 19.66
N GLY A 81 -1.59 2.89 20.69
CA GLY A 81 -1.13 3.76 21.77
C GLY A 81 -0.15 4.80 21.28
N LEU A 82 0.78 4.40 20.41
CA LEU A 82 1.74 5.34 19.82
C LEU A 82 1.07 6.37 18.92
N LEU A 83 0.11 5.94 18.11
CA LEU A 83 -0.61 6.87 17.21
C LEU A 83 -1.45 7.84 18.00
N ALA A 84 -2.03 7.37 19.09
CA ALA A 84 -2.80 8.25 19.98
C ALA A 84 -1.94 9.26 20.70
N GLU A 85 -0.85 8.79 21.31
CA GLU A 85 -0.02 9.70 22.11
CA GLU A 85 -0.01 9.68 22.12
C GLU A 85 0.72 10.68 21.25
N ARG A 86 1.25 10.21 20.12
CA ARG A 86 2.13 11.04 19.32
C ARG A 86 1.43 11.83 18.22
N LEU A 87 0.46 11.20 17.58
CA LEU A 87 -0.24 11.85 16.46
C LEU A 87 -1.65 12.27 16.79
N ARG A 88 -2.08 11.99 18.02
CA ARG A 88 -3.40 12.38 18.53
C ARG A 88 -4.55 11.76 17.75
N ILE A 89 -4.35 10.56 17.24
CA ILE A 89 -5.40 9.81 16.54
C ILE A 89 -6.11 8.87 17.53
N SER A 90 -7.43 8.94 17.54
CA SER A 90 -8.24 8.08 18.40
CA SER A 90 -8.22 8.07 18.41
C SER A 90 -8.06 6.62 17.91
N PRO A 91 -7.83 5.67 18.85
CA PRO A 91 -7.68 4.26 18.46
C PRO A 91 -8.86 3.68 17.70
N ASP A 92 -10.06 4.21 17.90
CA ASP A 92 -11.22 3.73 17.17
C ASP A 92 -11.34 4.32 15.76
N ARG A 93 -10.31 5.07 15.32
CA ARG A 93 -10.22 5.53 13.90
C ARG A 93 -8.93 5.06 13.24
N VAL A 94 -8.45 3.91 13.70
CA VAL A 94 -7.25 3.28 13.18
C VAL A 94 -7.60 1.84 12.77
N TYR A 95 -7.21 1.47 11.55
CA TYR A 95 -7.10 0.06 11.18
C TYR A 95 -5.63 -0.29 10.92
N ILE A 96 -5.28 -1.51 11.33
CA ILE A 96 -3.95 -2.08 11.10
C ILE A 96 -4.17 -3.46 10.47
N ASN A 97 -3.74 -3.59 9.22
CA ASN A 97 -3.80 -4.89 8.52
C ASN A 97 -2.51 -5.63 8.77
N TYR A 98 -2.60 -6.87 9.27
CA TYR A 98 -1.43 -7.72 9.57
C TYR A 98 -1.23 -8.75 8.45
N TYR A 99 -0.01 -8.82 7.95
CA TYR A 99 0.35 -9.70 6.84
C TYR A 99 1.55 -10.53 7.28
N ASP A 100 1.36 -11.83 7.35
CA ASP A 100 2.44 -12.77 7.57
C ASP A 100 2.91 -13.31 6.21
N MET A 101 4.10 -12.86 5.78
CA MET A 101 4.60 -13.16 4.46
C MET A 101 5.41 -14.46 4.51
N ASN A 102 5.29 -15.24 3.46
CA ASN A 102 6.20 -16.35 3.25
CA ASN A 102 6.20 -16.36 3.25
C ASN A 102 7.58 -15.79 2.92
N ALA A 103 8.62 -16.38 3.50
CA ALA A 103 9.99 -15.93 3.24
C ALA A 103 10.32 -15.88 1.76
N ALA A 104 9.79 -16.85 1.00
CA ALA A 104 10.06 -16.85 -0.46
C ALA A 104 9.44 -15.67 -1.20
N ASN A 105 8.50 -14.97 -0.53
CA ASN A 105 7.82 -13.83 -1.11
C ASN A 105 8.27 -12.48 -0.55
N VAL A 106 9.44 -12.45 0.08
CA VAL A 106 10.04 -11.20 0.46
C VAL A 106 11.47 -11.11 -0.11
N GLY A 107 11.68 -10.09 -0.93
CA GLY A 107 13.00 -9.77 -1.49
C GLY A 107 13.78 -8.80 -0.63
N TRP A 108 15.08 -8.99 -0.61
CA TRP A 108 16.04 -8.20 0.17
C TRP A 108 17.43 -8.54 -0.34
N ASN A 109 18.26 -7.52 -0.52
CA ASN A 109 19.66 -7.73 -0.86
C ASN A 109 19.80 -8.70 -2.04
N ASN A 110 19.11 -8.39 -3.15
CA ASN A 110 19.23 -9.11 -4.41
C ASN A 110 18.61 -10.50 -4.49
N SER A 111 18.03 -11.01 -3.40
CA SER A 111 17.38 -12.30 -3.48
C SER A 111 16.17 -12.30 -2.55
N THR A 112 15.78 -13.45 -2.02
CA THR A 112 14.65 -13.50 -1.08
C THR A 112 15.11 -14.17 0.21
N PHE A 113 14.20 -14.18 1.18
CA PHE A 113 14.49 -14.81 2.45
C PHE A 113 14.28 -16.32 2.48
N ALA A 114 13.94 -16.93 1.36
CA ALA A 114 13.77 -18.40 1.32
C ALA A 114 15.09 -19.12 1.63
N PRO B 1 -15.29 -1.90 5.40
CA PRO B 1 -14.38 -2.01 4.27
C PRO B 1 -13.36 -0.87 4.28
N MET B 2 -12.23 -1.11 3.64
CA MET B 2 -11.18 -0.09 3.48
C MET B 2 -10.91 -0.01 1.99
N PHE B 3 -11.11 1.15 1.39
CA PHE B 3 -10.91 1.36 -0.06
C PHE B 3 -9.87 2.43 -0.28
N ILE B 4 -8.82 2.09 -1.04
CA ILE B 4 -7.70 2.97 -1.33
C ILE B 4 -7.56 3.12 -2.82
N VAL B 5 -7.43 4.35 -3.31
CA VAL B 5 -7.26 4.69 -4.72
C VAL B 5 -5.97 5.51 -4.86
N ASN B 6 -5.03 4.98 -5.64
CA ASN B 6 -3.80 5.70 -6.01
C ASN B 6 -3.91 6.09 -7.47
N THR B 7 -3.74 7.36 -7.79
CA THR B 7 -3.92 7.83 -9.14
C THR B 7 -2.96 8.96 -9.49
N ASN B 8 -2.68 9.08 -10.76
CA ASN B 8 -1.96 10.21 -11.33
C ASN B 8 -2.88 11.38 -11.70
N VAL B 9 -4.19 11.26 -11.51
CA VAL B 9 -5.10 12.41 -11.65
C VAL B 9 -4.65 13.47 -10.64
N PRO B 10 -4.59 14.76 -11.04
CA PRO B 10 -4.18 15.79 -10.06
C PRO B 10 -5.23 16.05 -8.98
N ARG B 11 -4.76 16.53 -7.81
CA ARG B 11 -5.62 16.90 -6.68
CA ARG B 11 -5.64 16.87 -6.68
CA ARG B 11 -5.67 16.82 -6.69
C ARG B 11 -6.80 17.74 -7.11
N ALA B 12 -6.54 18.70 -8.00
CA ALA B 12 -7.60 19.67 -8.37
C ALA B 12 -8.73 19.07 -9.18
N SER B 13 -8.51 17.87 -9.75
CA SER B 13 -9.59 17.24 -10.50
CA SER B 13 -9.51 17.15 -10.51
C SER B 13 -10.27 16.15 -9.67
N VAL B 14 -9.94 16.09 -8.38
CA VAL B 14 -10.70 15.26 -7.43
C VAL B 14 -11.83 16.14 -6.93
N PRO B 15 -13.10 15.71 -7.12
CA PRO B 15 -14.20 16.59 -6.69
C PRO B 15 -14.23 16.85 -5.20
N ASP B 16 -14.75 18.02 -4.83
CA ASP B 16 -15.03 18.29 -3.42
CA ASP B 16 -15.03 18.30 -3.45
C ASP B 16 -16.09 17.28 -2.99
N GLY B 17 -15.89 16.71 -1.82
CA GLY B 17 -16.78 15.72 -1.27
C GLY B 17 -16.58 14.32 -1.78
N PHE B 18 -15.54 14.08 -2.60
CA PHE B 18 -15.30 12.73 -3.14
C PHE B 18 -15.12 11.64 -2.06
N LEU B 19 -14.49 11.96 -0.93
CA LEU B 19 -14.36 10.97 0.14
C LEU B 19 -15.75 10.55 0.66
N SER B 20 -16.63 11.55 0.81
CA SER B 20 -18.01 11.28 1.24
CA SER B 20 -17.99 11.28 1.25
C SER B 20 -18.75 10.45 0.21
N GLU B 21 -18.53 10.77 -1.08
CA GLU B 21 -19.17 10.00 -2.16
CA GLU B 21 -19.19 10.01 -2.15
C GLU B 21 -18.77 8.54 -2.09
N LEU B 22 -17.47 8.28 -1.94
CA LEU B 22 -17.01 6.89 -1.83
C LEU B 22 -17.63 6.20 -0.63
N THR B 23 -17.69 6.91 0.49
CA THR B 23 -18.21 6.34 1.71
C THR B 23 -19.67 5.94 1.54
N GLN B 24 -20.46 6.84 0.97
CA GLN B 24 -21.90 6.62 0.75
CA GLN B 24 -21.88 6.52 0.87
C GLN B 24 -22.14 5.45 -0.20
N GLN B 25 -21.42 5.46 -1.30
CA GLN B 25 -21.55 4.40 -2.27
C GLN B 25 -21.21 3.03 -1.68
N LEU B 26 -20.15 2.97 -0.86
CA LEU B 26 -19.79 1.73 -0.19
C LEU B 26 -20.81 1.33 0.87
N ALA B 27 -21.38 2.31 1.57
CA ALA B 27 -22.43 2.02 2.54
C ALA B 27 -23.63 1.40 1.84
N GLN B 28 -24.04 1.97 0.70
CA GLN B 28 -25.15 1.36 -0.05
C GLN B 28 -24.79 -0.06 -0.57
N ALA B 29 -23.59 -0.20 -1.10
CA ALA B 29 -23.19 -1.47 -1.70
C ALA B 29 -23.09 -2.59 -0.66
N THR B 30 -22.56 -2.27 0.51
CA THR B 30 -22.44 -3.22 1.63
C THR B 30 -23.75 -3.45 2.41
N GLY B 31 -24.66 -2.47 2.39
CA GLY B 31 -25.87 -2.49 3.22
C GLY B 31 -25.59 -2.30 4.69
N LYS B 32 -24.41 -1.77 5.00
CA LYS B 32 -24.04 -1.50 6.36
C LYS B 32 -23.77 -0.01 6.52
N PRO B 33 -23.82 0.46 7.77
CA PRO B 33 -23.64 1.90 8.02
C PRO B 33 -22.26 2.42 7.62
N PRO B 34 -22.17 3.74 7.38
CA PRO B 34 -20.92 4.35 7.06
C PRO B 34 -19.84 4.24 8.19
N GLN B 35 -20.23 3.93 9.42
CA GLN B 35 -19.39 4.04 10.61
C GLN B 35 -18.00 3.44 10.50
N TYR B 36 -17.92 2.26 9.89
CA TYR B 36 -16.65 1.53 9.85
C TYR B 36 -15.95 1.55 8.49
N ILE B 37 -16.50 2.34 7.58
CA ILE B 37 -15.93 2.49 6.24
C ILE B 37 -14.73 3.45 6.29
N ALA B 38 -13.59 3.02 5.73
CA ALA B 38 -12.40 3.86 5.60
C ALA B 38 -12.07 4.02 4.16
N VAL B 39 -11.80 5.26 3.75
CA VAL B 39 -11.46 5.55 2.37
C VAL B 39 -10.22 6.42 2.31
N HIS B 40 -9.44 6.25 1.27
CA HIS B 40 -8.14 6.92 1.14
C HIS B 40 -7.91 7.18 -0.33
N VAL B 41 -7.72 8.43 -0.71
CA VAL B 41 -7.50 8.79 -2.11
C VAL B 41 -6.20 9.51 -2.22
N VAL B 42 -5.36 9.06 -3.17
CA VAL B 42 -3.99 9.54 -3.30
C VAL B 42 -3.79 10.04 -4.73
N PRO B 43 -3.95 11.33 -4.95
CA PRO B 43 -3.77 11.92 -6.26
C PRO B 43 -2.32 12.29 -6.52
N ASP B 44 -2.07 12.85 -7.71
CA ASP B 44 -0.77 13.41 -8.04
C ASP B 44 0.38 12.40 -8.09
N GLN B 45 0.06 11.12 -8.26
CA GLN B 45 1.08 10.09 -8.18
C GLN B 45 1.85 9.92 -9.48
N LEU B 46 3.13 9.56 -9.35
CA LEU B 46 3.97 9.24 -10.50
CA LEU B 46 3.97 9.23 -10.51
C LEU B 46 3.68 7.78 -10.87
N MET B 47 2.85 7.60 -11.92
CA MET B 47 2.35 6.29 -12.30
CA MET B 47 2.37 6.27 -12.31
C MET B 47 2.35 6.13 -13.81
N ALA B 48 2.44 4.89 -14.25
CA ALA B 48 2.21 4.57 -15.65
C ALA B 48 1.40 3.28 -15.70
N PHE B 49 0.59 3.16 -16.73
CA PHE B 49 -0.19 1.92 -16.92
C PHE B 49 -0.03 1.65 -18.41
N GLY B 50 0.49 0.47 -18.75
CA GLY B 50 0.71 0.16 -20.16
C GLY B 50 1.77 1.00 -20.82
N GLY B 51 2.71 1.53 -20.04
CA GLY B 51 3.74 2.41 -20.60
C GLY B 51 3.28 3.83 -20.90
N SER B 52 2.05 4.18 -20.48
CA SER B 52 1.42 5.47 -20.75
C SER B 52 1.14 6.16 -19.43
N SER B 53 1.33 7.49 -19.41
CA SER B 53 0.94 8.30 -18.25
C SER B 53 -0.44 8.96 -18.37
N GLU B 54 -1.28 8.48 -19.28
CA GLU B 54 -2.69 8.85 -19.25
C GLU B 54 -3.29 8.45 -17.89
N PRO B 55 -4.40 9.10 -17.51
CA PRO B 55 -4.97 8.77 -16.23
C PRO B 55 -5.19 7.27 -15.99
N CYS B 56 -4.83 6.84 -14.78
CA CYS B 56 -4.92 5.45 -14.40
C CYS B 56 -5.10 5.40 -12.88
N ALA B 57 -5.41 4.23 -12.37
CA ALA B 57 -5.51 4.02 -10.93
C ALA B 57 -5.12 2.63 -10.52
N LEU B 58 -4.49 2.55 -9.35
CA LEU B 58 -4.23 1.29 -8.66
C LEU B 58 -4.97 1.39 -7.33
N CYS B 59 -5.87 0.43 -7.12
CA CYS B 59 -6.74 0.46 -5.96
C CYS B 59 -6.66 -0.83 -5.15
N SER B 60 -7.11 -0.75 -3.91
CA SER B 60 -7.22 -1.90 -3.02
C SER B 60 -8.59 -1.78 -2.32
N LEU B 61 -9.28 -2.91 -2.16
CA LEU B 61 -10.46 -3.03 -1.31
C LEU B 61 -10.21 -4.16 -0.34
N HIS B 62 -10.16 -3.84 0.96
CA HIS B 62 -9.99 -4.78 2.02
C HIS B 62 -11.33 -4.92 2.72
N SER B 63 -11.74 -6.15 3.00
CA SER B 63 -13.00 -6.38 3.69
C SER B 63 -12.87 -7.63 4.50
N ILE B 64 -13.46 -7.65 5.68
CA ILE B 64 -13.49 -8.86 6.51
C ILE B 64 -14.74 -9.64 6.10
N GLY B 65 -14.57 -10.52 5.12
CA GLY B 65 -15.74 -11.09 4.45
C GLY B 65 -16.41 -10.08 3.53
N LYS B 66 -17.65 -10.34 3.20
CA LYS B 66 -18.46 -9.47 2.35
CA LYS B 66 -18.44 -9.44 2.39
C LYS B 66 -17.89 -9.28 0.94
N ILE B 67 -16.95 -10.17 0.53
CA ILE B 67 -16.37 -10.15 -0.80
C ILE B 67 -16.13 -11.57 -1.34
N GLY B 68 -15.62 -11.67 -2.57
CA GLY B 68 -15.47 -12.95 -3.25
C GLY B 68 -16.73 -13.28 -4.02
N GLY B 69 -16.83 -14.54 -4.45
CA GLY B 69 -17.98 -14.97 -5.26
C GLY B 69 -18.23 -14.03 -6.43
N ALA B 70 -19.49 -13.66 -6.67
CA ALA B 70 -19.80 -12.68 -7.71
C ALA B 70 -19.66 -11.20 -7.20
N GLN B 71 -19.36 -11.03 -5.91
CA GLN B 71 -19.24 -9.70 -5.30
C GLN B 71 -18.05 -8.90 -5.85
N ASN B 72 -16.95 -9.59 -6.22
CA ASN B 72 -15.80 -8.84 -6.73
C ASN B 72 -16.13 -8.18 -8.04
N ARG B 73 -16.80 -8.90 -8.93
CA ARG B 73 -17.23 -8.29 -10.21
CA ARG B 73 -17.26 -8.36 -10.20
C ARG B 73 -18.20 -7.15 -9.99
N SER B 74 -19.12 -7.29 -9.04
CA SER B 74 -20.09 -6.25 -8.75
CA SER B 74 -20.09 -6.24 -8.77
C SER B 74 -19.40 -4.99 -8.18
N TYR B 75 -18.44 -5.19 -7.27
CA TYR B 75 -17.61 -4.10 -6.82
C TYR B 75 -16.84 -3.42 -7.94
N SER B 76 -16.30 -4.21 -8.86
CA SER B 76 -15.55 -3.61 -9.93
C SER B 76 -16.42 -2.71 -10.79
N LYS B 77 -17.64 -3.14 -11.08
CA LYS B 77 -18.57 -2.32 -11.85
C LYS B 77 -18.89 -1.03 -11.10
N LEU B 78 -19.15 -1.15 -9.80
CA LEU B 78 -19.46 0.02 -8.98
C LEU B 78 -18.28 0.99 -8.95
N LEU B 79 -17.10 0.46 -8.62
CA LEU B 79 -15.96 1.29 -8.34
C LEU B 79 -15.30 1.84 -9.62
N CYS B 80 -15.17 1.02 -10.66
CA CYS B 80 -14.76 1.56 -11.96
C CYS B 80 -15.73 2.63 -12.46
N GLY B 81 -17.03 2.41 -12.22
CA GLY B 81 -18.02 3.39 -12.69
C GLY B 81 -17.80 4.73 -11.99
N LEU B 82 -17.57 4.68 -10.69
CA LEU B 82 -17.31 5.89 -9.90
C LEU B 82 -16.03 6.59 -10.36
N LEU B 83 -14.97 5.83 -10.56
CA LEU B 83 -13.71 6.43 -10.99
C LEU B 83 -13.83 7.02 -12.38
N ALA B 84 -14.60 6.37 -13.26
CA ALA B 84 -14.82 6.91 -14.62
C ALA B 84 -15.66 8.19 -14.57
N GLU B 85 -16.75 8.15 -13.83
CA GLU B 85 -17.66 9.28 -13.81
C GLU B 85 -17.12 10.47 -13.06
N ARG B 86 -16.48 10.24 -11.93
CA ARG B 86 -15.98 11.33 -11.10
C ARG B 86 -14.55 11.76 -11.38
N LEU B 87 -13.65 10.79 -11.51
CA LEU B 87 -12.24 11.12 -11.74
C LEU B 87 -11.87 11.08 -13.21
N ARG B 88 -12.79 10.67 -14.07
CA ARG B 88 -12.56 10.59 -15.51
C ARG B 88 -11.41 9.66 -15.89
N ILE B 89 -11.31 8.57 -15.16
CA ILE B 89 -10.33 7.53 -15.47
C ILE B 89 -11.02 6.39 -16.24
N SER B 90 -10.43 5.97 -17.35
CA SER B 90 -10.99 4.86 -18.13
CA SER B 90 -10.98 4.86 -18.13
C SER B 90 -10.94 3.58 -17.31
N PRO B 91 -12.05 2.81 -17.27
CA PRO B 91 -12.03 1.54 -16.53
C PRO B 91 -10.94 0.56 -16.94
N ASP B 92 -10.52 0.62 -18.22
CA ASP B 92 -9.42 -0.22 -18.67
C ASP B 92 -8.02 0.21 -18.26
N ARG B 93 -7.92 1.24 -17.43
CA ARG B 93 -6.68 1.72 -16.85
C ARG B 93 -6.80 1.75 -15.30
N VAL B 94 -7.68 0.89 -14.78
CA VAL B 94 -7.84 0.68 -13.34
C VAL B 94 -7.62 -0.76 -13.00
N TYR B 95 -6.78 -0.99 -11.99
CA TYR B 95 -6.75 -2.27 -11.28
C TYR B 95 -7.24 -2.09 -9.87
N ILE B 96 -8.04 -3.06 -9.42
CA ILE B 96 -8.50 -3.13 -8.02
C ILE B 96 -8.14 -4.49 -7.44
N ASN B 97 -7.28 -4.47 -6.44
CA ASN B 97 -6.90 -5.73 -5.73
C ASN B 97 -7.86 -5.94 -4.56
N TYR B 98 -8.51 -7.11 -4.54
CA TYR B 98 -9.47 -7.48 -3.49
C TYR B 98 -8.79 -8.35 -2.45
N TYR B 99 -8.96 -8.00 -1.17
CA TYR B 99 -8.35 -8.72 -0.06
C TYR B 99 -9.45 -9.06 0.93
N ASP B 100 -9.73 -10.35 1.05
CA ASP B 100 -10.65 -10.86 2.05
C ASP B 100 -9.83 -11.12 3.31
N MET B 101 -9.92 -10.20 4.26
CA MET B 101 -9.13 -10.27 5.49
C MET B 101 -9.76 -11.20 6.50
N ASN B 102 -8.91 -11.93 7.21
CA ASN B 102 -9.29 -12.65 8.42
CA ASN B 102 -9.41 -12.61 8.39
C ASN B 102 -9.44 -11.63 9.55
N ALA B 103 -10.50 -11.72 10.33
CA ALA B 103 -10.71 -10.80 11.44
C ALA B 103 -9.54 -10.74 12.43
N ALA B 104 -8.86 -11.88 12.64
CA ALA B 104 -7.68 -11.91 13.53
C ALA B 104 -6.49 -11.13 13.01
N ASN B 105 -6.52 -10.76 11.74
CA ASN B 105 -5.43 -10.00 11.08
C ASN B 105 -5.84 -8.54 10.83
N VAL B 106 -6.90 -8.07 11.51
CA VAL B 106 -7.27 -6.66 11.45
C VAL B 106 -7.34 -6.09 12.85
N GLY B 107 -6.47 -5.10 13.09
CA GLY B 107 -6.42 -4.35 14.35
C GLY B 107 -7.24 -3.11 14.26
N TRP B 108 -7.84 -2.77 15.40
CA TRP B 108 -8.71 -1.61 15.52
C TRP B 108 -8.89 -1.35 17.00
N ASN B 109 -8.82 -0.08 17.44
CA ASN B 109 -9.22 0.28 18.80
C ASN B 109 -8.55 -0.60 19.85
N ASN B 110 -7.23 -0.69 19.72
CA ASN B 110 -6.38 -1.40 20.68
C ASN B 110 -6.47 -2.92 20.67
N SER B 111 -7.24 -3.50 19.74
CA SER B 111 -7.43 -4.94 19.73
C SER B 111 -7.47 -5.43 18.28
N THR B 112 -7.98 -6.65 18.10
CA THR B 112 -8.25 -7.20 16.77
C THR B 112 -9.69 -7.71 16.73
N PHE B 113 -10.22 -7.82 15.53
CA PHE B 113 -11.61 -8.19 15.40
C PHE B 113 -11.92 -9.65 15.74
N ALA B 114 -10.90 -10.50 15.76
CA ALA B 114 -11.03 -11.83 16.33
C ALA B 114 -9.75 -12.27 16.98
N PRO C 1 1.90 -7.37 -14.35
CA PRO C 1 2.34 -7.05 -12.99
C PRO C 1 2.01 -5.60 -12.58
N MET C 2 1.94 -5.39 -11.28
CA MET C 2 1.84 -4.05 -10.67
C MET C 2 3.02 -3.90 -9.72
N PHE C 3 3.87 -2.91 -9.99
CA PHE C 3 5.09 -2.68 -9.20
C PHE C 3 5.01 -1.29 -8.56
N ILE C 4 5.17 -1.26 -7.25
CA ILE C 4 5.09 -0.02 -6.45
C ILE C 4 6.41 0.10 -5.67
N VAL C 5 7.02 1.26 -5.77
CA VAL C 5 8.24 1.59 -5.01
C VAL C 5 7.95 2.80 -4.13
N ASN C 6 8.12 2.63 -2.81
CA ASN C 6 8.03 3.73 -1.82
C ASN C 6 9.46 3.98 -1.34
N THR C 7 9.91 5.23 -1.45
CA THR C 7 11.31 5.54 -1.12
C THR C 7 11.44 6.94 -0.51
N ASN C 8 12.44 7.11 0.35
CA ASN C 8 12.81 8.43 0.90
C ASN C 8 13.72 9.23 -0.02
N VAL C 9 14.20 8.65 -1.12
CA VAL C 9 14.99 9.48 -2.06
C VAL C 9 14.08 10.54 -2.69
N PRO C 10 14.63 11.71 -2.99
CA PRO C 10 13.77 12.79 -3.44
C PRO C 10 13.28 12.58 -4.88
N ARG C 11 12.15 13.19 -5.21
CA ARG C 11 11.64 13.17 -6.58
C ARG C 11 12.71 13.68 -7.57
N ALA C 12 13.50 14.65 -7.11
CA ALA C 12 14.53 15.27 -7.95
C ALA C 12 15.63 14.32 -8.37
N SER C 13 15.72 13.16 -7.72
CA SER C 13 16.71 12.13 -8.07
C SER C 13 16.17 11.06 -9.00
N VAL C 14 14.86 11.05 -9.25
CA VAL C 14 14.28 10.03 -10.12
C VAL C 14 14.54 10.44 -11.57
N PRO C 15 15.24 9.61 -12.36
CA PRO C 15 15.50 10.02 -13.75
C PRO C 15 14.26 10.11 -14.61
N ASP C 16 14.27 11.02 -15.58
CA ASP C 16 13.23 11.04 -16.57
C ASP C 16 13.33 9.71 -17.32
N GLY C 17 12.18 9.08 -17.50
CA GLY C 17 12.13 7.82 -18.18
C GLY C 17 12.19 6.61 -17.26
N PHE C 18 12.26 6.83 -15.95
CA PHE C 18 12.37 5.69 -15.01
C PHE C 18 11.13 4.80 -15.07
N LEU C 19 9.94 5.41 -15.19
CA LEU C 19 8.69 4.64 -15.29
CA LEU C 19 8.71 4.60 -15.24
C LEU C 19 8.69 3.74 -16.51
N SER C 20 9.16 4.29 -17.62
CA SER C 20 9.27 3.52 -18.87
C SER C 20 10.29 2.41 -18.74
N GLU C 21 11.41 2.70 -18.11
CA GLU C 21 12.43 1.67 -17.88
C GLU C 21 11.90 0.53 -17.03
N LEU C 22 11.25 0.87 -15.92
CA LEU C 22 10.65 -0.17 -15.07
C LEU C 22 9.62 -1.03 -15.84
N THR C 23 8.81 -0.38 -16.68
CA THR C 23 7.80 -1.08 -17.45
C THR C 23 8.48 -2.09 -18.40
N GLN C 24 9.51 -1.64 -19.11
CA GLN C 24 10.19 -2.53 -20.08
CA GLN C 24 10.18 -2.52 -20.08
C GLN C 24 10.94 -3.65 -19.36
N GLN C 25 11.61 -3.34 -18.25
CA GLN C 25 12.36 -4.36 -17.54
C GLN C 25 11.44 -5.38 -16.90
N LEU C 26 10.29 -4.92 -16.38
CA LEU C 26 9.28 -5.82 -15.87
C LEU C 26 8.69 -6.75 -16.95
N ALA C 27 8.44 -6.21 -18.13
CA ALA C 27 7.94 -6.99 -19.25
C ALA C 27 8.88 -8.11 -19.59
N GLN C 28 10.16 -7.78 -19.67
CA GLN C 28 11.11 -8.80 -20.11
CA GLN C 28 11.19 -8.77 -20.05
C GLN C 28 11.34 -9.83 -18.98
N ALA C 29 11.23 -9.42 -17.72
CA ALA C 29 11.46 -10.33 -16.57
C ALA C 29 10.27 -11.24 -16.30
N THR C 30 9.07 -10.67 -16.36
CA THR C 30 7.89 -11.46 -16.02
C THR C 30 7.31 -12.14 -17.25
N GLY C 31 7.70 -11.66 -18.44
CA GLY C 31 7.14 -12.15 -19.69
C GLY C 31 5.73 -11.70 -19.94
N LYS C 32 5.35 -10.58 -19.39
CA LYS C 32 4.01 -10.07 -19.57
C LYS C 32 4.05 -8.85 -20.46
N PRO C 33 3.03 -8.67 -21.33
CA PRO C 33 2.99 -7.54 -22.24
C PRO C 33 3.07 -6.20 -21.50
N PRO C 34 3.87 -5.24 -22.01
CA PRO C 34 3.94 -3.94 -21.35
C PRO C 34 2.59 -3.27 -21.23
N GLN C 35 1.65 -3.57 -22.13
CA GLN C 35 0.34 -2.95 -22.16
C GLN C 35 -0.46 -3.21 -20.90
N TYR C 36 -0.09 -4.25 -20.13
CA TYR C 36 -0.80 -4.65 -18.92
C TYR C 36 -0.06 -4.26 -17.64
N ILE C 37 1.12 -3.67 -17.75
CA ILE C 37 1.97 -3.41 -16.60
C ILE C 37 1.70 -2.05 -15.98
N ALA C 38 1.52 -2.03 -14.67
CA ALA C 38 1.39 -0.78 -13.94
C ALA C 38 2.56 -0.55 -13.03
N VAL C 39 3.06 0.69 -13.03
CA VAL C 39 4.20 1.08 -12.21
CA VAL C 39 4.21 1.09 -12.21
C VAL C 39 3.84 2.35 -11.43
N HIS C 40 4.31 2.42 -10.18
CA HIS C 40 3.95 3.52 -9.29
C HIS C 40 5.22 3.79 -8.44
N VAL C 41 5.78 5.01 -8.58
CA VAL C 41 6.98 5.40 -7.85
C VAL C 41 6.60 6.52 -6.91
N VAL C 42 6.93 6.34 -5.64
CA VAL C 42 6.50 7.26 -4.56
C VAL C 42 7.76 7.72 -3.85
N PRO C 43 8.29 8.87 -4.28
CA PRO C 43 9.53 9.40 -3.65
C PRO C 43 9.20 10.35 -2.52
N ASP C 44 10.23 10.93 -1.91
CA ASP C 44 10.10 11.96 -0.87
C ASP C 44 9.41 11.45 0.42
N GLN C 45 9.47 10.14 0.69
CA GLN C 45 8.77 9.57 1.81
C GLN C 45 9.53 9.68 3.12
N LEU C 46 8.78 9.75 4.21
CA LEU C 46 9.30 9.71 5.57
C LEU C 46 9.46 8.24 5.95
N MET C 47 10.69 7.75 5.82
CA MET C 47 11.01 6.34 6.00
CA MET C 47 11.00 6.34 6.03
C MET C 47 12.29 6.14 6.80
N ALA C 48 12.37 5.01 7.47
CA ALA C 48 13.60 4.57 8.04
C ALA C 48 13.73 3.07 7.85
N PHE C 49 14.98 2.62 7.75
CA PHE C 49 15.33 1.19 7.63
C PHE C 49 16.47 0.97 8.61
N GLY C 50 16.28 0.08 9.57
CA GLY C 50 17.26 -0.14 10.65
C GLY C 50 17.49 1.09 11.52
N GLY C 51 16.50 1.97 11.61
CA GLY C 51 16.62 3.18 12.40
C GLY C 51 17.34 4.31 11.73
N SER C 52 17.72 4.12 10.45
CA SER C 52 18.49 5.09 9.70
C SER C 52 17.67 5.66 8.55
N SER C 53 17.85 6.95 8.27
CA SER C 53 17.17 7.60 7.15
C SER C 53 18.03 7.70 5.88
N GLU C 54 19.10 6.90 5.80
CA GLU C 54 19.81 6.75 4.54
CA GLU C 54 19.81 6.74 4.54
C GLU C 54 18.83 6.17 3.49
N PRO C 55 19.15 6.33 2.20
CA PRO C 55 18.23 5.83 1.16
C PRO C 55 17.75 4.41 1.39
N CYS C 56 16.45 4.20 1.28
CA CYS C 56 15.84 2.89 1.45
C CYS C 56 14.57 2.81 0.61
N ALA C 57 14.03 1.61 0.48
CA ALA C 57 12.74 1.42 -0.24
C ALA C 57 11.94 0.28 0.29
N LEU C 58 10.61 0.46 0.24
CA LEU C 58 9.65 -0.60 0.49
CA LEU C 58 9.67 -0.61 0.49
C LEU C 58 8.85 -0.74 -0.79
N CYS C 59 8.87 -1.94 -1.37
CA CYS C 59 8.24 -2.17 -2.67
C CYS C 59 7.24 -3.29 -2.62
N SER C 60 6.37 -3.31 -3.61
CA SER C 60 5.44 -4.41 -3.81
C SER C 60 5.44 -4.78 -5.29
N LEU C 61 5.42 -6.09 -5.58
CA LEU C 61 5.17 -6.60 -6.92
C LEU C 61 3.97 -7.58 -6.82
N HIS C 62 2.86 -7.18 -7.43
CA HIS C 62 1.68 -8.01 -7.52
C HIS C 62 1.64 -8.57 -8.90
N SER C 63 1.35 -9.87 -9.01
CA SER C 63 1.17 -10.50 -10.32
CA SER C 63 1.08 -10.44 -10.32
C SER C 63 0.13 -11.59 -10.20
N ILE C 64 -0.59 -11.83 -11.29
CA ILE C 64 -1.48 -12.99 -11.37
C ILE C 64 -0.63 -14.14 -11.92
N GLY C 65 -0.06 -14.94 -11.04
CA GLY C 65 0.95 -15.93 -11.45
C GLY C 65 2.31 -15.25 -11.69
N LYS C 66 3.25 -16.04 -12.17
CA LYS C 66 4.65 -15.63 -12.37
C LYS C 66 5.37 -15.28 -11.06
N ILE C 67 4.82 -15.71 -9.92
CA ILE C 67 5.41 -15.47 -8.60
C ILE C 67 5.75 -16.83 -8.02
N GLY C 68 6.93 -16.96 -7.47
CA GLY C 68 7.35 -18.22 -6.86
C GLY C 68 8.78 -18.14 -6.41
N GLY C 69 9.26 -19.23 -5.83
CA GLY C 69 10.58 -19.25 -5.21
C GLY C 69 11.69 -18.70 -6.10
N ALA C 70 11.93 -19.38 -7.23
CA ALA C 70 13.03 -19.02 -8.12
C ALA C 70 12.78 -17.70 -8.86
N GLN C 71 11.52 -17.50 -9.30
CA GLN C 71 11.19 -16.29 -10.03
C GLN C 71 11.44 -15.09 -9.14
N ASN C 72 11.03 -15.19 -7.87
CA ASN C 72 11.16 -14.03 -6.99
C ASN C 72 12.63 -13.69 -6.73
N ARG C 73 13.47 -14.70 -6.63
CA ARG C 73 14.91 -14.43 -6.45
C ARG C 73 15.49 -13.61 -7.63
N SER C 74 15.11 -14.00 -8.86
CA SER C 74 15.55 -13.28 -10.07
CA SER C 74 15.56 -13.29 -10.06
CA SER C 74 15.53 -13.30 -10.07
C SER C 74 14.98 -11.88 -10.10
N TYR C 75 13.70 -11.73 -9.74
CA TYR C 75 13.10 -10.40 -9.72
C TYR C 75 13.81 -9.49 -8.71
N SER C 76 14.21 -10.05 -7.59
CA SER C 76 14.88 -9.26 -6.56
C SER C 76 16.20 -8.71 -7.04
N LYS C 77 16.99 -9.49 -7.77
CA LYS C 77 18.26 -8.96 -8.30
CA LYS C 77 18.26 -8.95 -8.29
C LYS C 77 17.99 -7.86 -9.33
N LEU C 78 17.04 -8.08 -10.21
CA LEU C 78 16.68 -7.11 -11.23
C LEU C 78 16.22 -5.78 -10.61
N LEU C 79 15.26 -5.87 -9.69
CA LEU C 79 14.64 -4.67 -9.11
C LEU C 79 15.58 -3.96 -8.16
N CYS C 80 16.30 -4.71 -7.30
CA CYS C 80 17.36 -4.05 -6.50
C CYS C 80 18.40 -3.39 -7.40
N GLY C 81 18.76 -4.05 -8.48
CA GLY C 81 19.73 -3.47 -9.38
C GLY C 81 19.31 -2.13 -9.97
N LEU C 82 18.05 -2.04 -10.39
CA LEU C 82 17.51 -0.78 -10.91
C LEU C 82 17.44 0.32 -9.83
N LEU C 83 17.04 -0.06 -8.60
CA LEU C 83 16.97 0.89 -7.51
C LEU C 83 18.35 1.36 -7.15
N ALA C 84 19.34 0.45 -7.17
CA ALA C 84 20.71 0.84 -6.85
C ALA C 84 21.29 1.78 -7.90
N GLU C 85 21.19 1.39 -9.17
CA GLU C 85 21.81 2.16 -10.24
CA GLU C 85 21.80 2.15 -10.26
C GLU C 85 21.11 3.50 -10.49
N ARG C 86 19.78 3.48 -10.49
CA ARG C 86 19.01 4.68 -10.82
C ARG C 86 18.71 5.57 -9.65
N LEU C 87 18.39 5.00 -8.49
CA LEU C 87 17.99 5.80 -7.34
C LEU C 87 19.05 5.82 -6.22
N ARG C 88 20.16 5.10 -6.39
CA ARG C 88 21.28 5.06 -5.44
C ARG C 88 20.89 4.46 -4.10
N ILE C 89 19.99 3.47 -4.13
CA ILE C 89 19.56 2.81 -2.91
C ILE C 89 20.32 1.47 -2.79
N SER C 90 20.95 1.21 -1.63
CA SER C 90 21.67 -0.02 -1.39
C SER C 90 20.67 -1.19 -1.34
N PRO C 91 21.02 -2.33 -1.99
CA PRO C 91 20.08 -3.47 -2.00
C PRO C 91 19.74 -4.02 -0.63
N ASP C 92 20.63 -3.83 0.35
CA ASP C 92 20.37 -4.28 1.71
C ASP C 92 19.49 -3.30 2.50
N ARG C 93 18.98 -2.25 1.83
CA ARG C 93 17.99 -1.33 2.43
C ARG C 93 16.68 -1.30 1.62
N VAL C 94 16.40 -2.41 0.93
CA VAL C 94 15.21 -2.60 0.15
C VAL C 94 14.49 -3.87 0.61
N TYR C 95 13.19 -3.77 0.85
CA TYR C 95 12.31 -4.93 0.87
C TYR C 95 11.34 -4.89 -0.30
N ILE C 96 11.13 -6.07 -0.91
CA ILE C 96 10.12 -6.22 -1.97
C ILE C 96 9.13 -7.30 -1.51
N ASN C 97 7.86 -6.94 -1.34
CA ASN C 97 6.83 -7.92 -0.98
C ASN C 97 6.21 -8.40 -2.31
N TYR C 98 6.26 -9.73 -2.53
CA TYR C 98 5.71 -10.33 -3.72
C TYR C 98 4.32 -10.89 -3.40
N TYR C 99 3.33 -10.59 -4.25
CA TYR C 99 1.98 -11.10 -4.05
C TYR C 99 1.53 -11.85 -5.28
N ASP C 100 1.22 -13.13 -5.12
CA ASP C 100 0.65 -13.95 -6.19
C ASP C 100 -0.88 -13.80 -6.10
N MET C 101 -1.44 -12.92 -6.91
CA MET C 101 -2.87 -12.65 -6.90
C MET C 101 -3.62 -13.73 -7.69
N ASN C 102 -4.78 -14.13 -7.20
CA ASN C 102 -5.67 -14.92 -8.01
C ASN C 102 -6.43 -13.96 -8.94
N ALA C 103 -6.68 -14.38 -10.17
CA ALA C 103 -7.37 -13.56 -11.15
C ALA C 103 -8.76 -13.16 -10.67
N ALA C 104 -9.41 -14.01 -9.90
CA ALA C 104 -10.74 -13.71 -9.35
C ALA C 104 -10.72 -12.50 -8.40
N ASN C 105 -9.54 -12.17 -7.87
CA ASN C 105 -9.39 -11.10 -6.89
C ASN C 105 -8.75 -9.86 -7.45
N VAL C 106 -8.74 -9.72 -8.78
CA VAL C 106 -8.26 -8.50 -9.43
C VAL C 106 -9.35 -7.95 -10.37
N GLY C 107 -9.80 -6.73 -10.06
CA GLY C 107 -10.73 -6.00 -10.85
C GLY C 107 -10.04 -5.17 -11.93
N TRP C 108 -10.71 -5.06 -13.06
CA TRP C 108 -10.23 -4.33 -14.21
C TRP C 108 -11.38 -4.14 -15.17
N ASN C 109 -11.50 -2.95 -15.77
CA ASN C 109 -12.44 -2.73 -16.87
C ASN C 109 -13.87 -3.19 -16.52
N ASN C 110 -14.35 -2.80 -15.33
CA ASN C 110 -15.73 -3.01 -14.88
C ASN C 110 -16.00 -4.44 -14.51
N SER C 111 -14.96 -5.28 -14.46
CA SER C 111 -15.17 -6.70 -14.17
C SER C 111 -13.95 -7.22 -13.40
N THR C 112 -13.68 -8.51 -13.52
CA THR C 112 -12.51 -9.12 -12.92
C THR C 112 -11.88 -10.01 -13.96
N PHE C 113 -10.64 -10.39 -13.71
CA PHE C 113 -9.92 -11.28 -14.62
C PHE C 113 -10.41 -12.73 -14.62
N ALA C 114 -11.06 -13.14 -13.55
CA ALA C 114 -11.75 -14.41 -13.51
C ALA C 114 -12.96 -14.30 -12.62
#